data_3WP0
#
_entry.id   3WP0
#
_cell.length_a   84.082
_cell.length_b   84.082
_cell.length_c   65.883
_cell.angle_alpha   90.00
_cell.angle_beta   90.00
_cell.angle_gamma   120.00
#
_symmetry.space_group_name_H-M   'P 31 2 1'
#
loop_
_entity.id
_entity.type
_entity.pdbx_description
1 polymer 'Disks large homolog 4'
2 polymer 'Lethal(2) giant larvae protein homolog 2'
3 non-polymer GLYCEROL
4 water water
#
loop_
_entity_poly.entity_id
_entity_poly.type
_entity_poly.pdbx_seq_one_letter_code
_entity_poly.pdbx_strand_id
1 'polypeptide(L)'
;GPGSVHYARPIIILGPTKDRANDDLLSEFPDKFGSCVPHTTRPKREYEIDGRDYHFVSSREKMEKDIQAHKFIEAGQYNS
HLYGTSVQSVREVAEQGKHCILDVSANAVRRLQAAHLHPIAIFIRPRSLENVLEINKRITEEQARKAFDRATKLEQEFTE
CFSAIVEGDSFEEIYHKVKRVIEDLSG
;
A
2 'polypeptide(L)' LSRVK(SEP)LKKSLRQSF B
#
# COMPACT_ATOMS: atom_id res chain seq x y z
N TYR A 7 -18.93 -1.09 7.26
CA TYR A 7 -17.49 -1.35 7.31
C TYR A 7 -16.90 -1.59 5.90
N ALA A 8 -15.92 -0.78 5.50
CA ALA A 8 -15.38 -0.88 4.14
C ALA A 8 -14.04 -1.58 4.19
N ARG A 9 -13.85 -2.58 3.33
CA ARG A 9 -12.60 -3.33 3.34
C ARG A 9 -11.45 -2.48 2.86
N PRO A 10 -10.30 -2.53 3.58
CA PRO A 10 -9.08 -1.83 3.15
C PRO A 10 -8.46 -2.50 1.90
N ILE A 11 -7.71 -1.74 1.13
CA ILE A 11 -7.19 -2.19 -0.16
C ILE A 11 -5.66 -2.20 -0.18
N ILE A 12 -5.06 -3.30 -0.62
CA ILE A 12 -3.62 -3.30 -0.88
C ILE A 12 -3.38 -3.80 -2.29
N ILE A 13 -2.94 -2.90 -3.19
CA ILE A 13 -2.63 -3.26 -4.57
C ILE A 13 -1.11 -3.48 -4.62
N LEU A 14 -0.68 -4.56 -5.31
CA LEU A 14 0.73 -4.94 -5.42
C LEU A 14 1.08 -5.22 -6.87
N GLY A 15 2.37 -5.15 -7.19
CA GLY A 15 2.88 -5.44 -8.51
C GLY A 15 3.11 -4.16 -9.29
N PRO A 16 3.61 -4.28 -10.54
CA PRO A 16 3.95 -3.10 -11.35
C PRO A 16 2.70 -2.21 -11.58
N THR A 17 2.89 -0.88 -11.61
CA THR A 17 1.79 0.12 -11.73
C THR A 17 0.88 0.35 -10.51
N LYS A 18 1.11 -0.37 -9.41
CA LYS A 18 0.23 -0.26 -8.26
C LYS A 18 0.15 1.18 -7.71
N ASP A 19 1.25 1.92 -7.78
CA ASP A 19 1.25 3.30 -7.25
C ASP A 19 0.32 4.16 -8.07
N ARG A 20 0.36 3.99 -9.39
CA ARG A 20 -0.50 4.75 -10.28
C ARG A 20 -1.98 4.39 -10.06
N ALA A 21 -2.25 3.10 -9.81
CA ALA A 21 -3.59 2.63 -9.51
C ALA A 21 -4.08 3.22 -8.17
N ASN A 22 -3.21 3.18 -7.16
CA ASN A 22 -3.53 3.75 -5.84
C ASN A 22 -3.92 5.23 -5.99
N ASP A 23 -3.11 5.96 -6.74
CA ASP A 23 -3.28 7.41 -6.86
C ASP A 23 -4.57 7.75 -7.59
N ASP A 24 -4.83 6.99 -8.66
CA ASP A 24 -5.99 7.24 -9.49
C ASP A 24 -7.33 6.93 -8.76
N LEU A 25 -7.35 5.85 -7.98
CA LEU A 25 -8.55 5.51 -7.22
C LEU A 25 -8.87 6.65 -6.24
N LEU A 26 -7.83 7.13 -5.55
CA LEU A 26 -7.97 8.23 -4.57
C LEU A 26 -8.50 9.51 -5.21
N SER A 27 -7.99 9.82 -6.41
CA SER A 27 -8.35 11.05 -7.08
C SER A 27 -9.72 10.95 -7.78
N GLU A 28 -10.03 9.79 -8.33
CA GLU A 28 -11.29 9.62 -9.07
C GLU A 28 -12.54 9.44 -8.18
N PHE A 29 -12.39 8.71 -7.07
CA PHE A 29 -13.51 8.38 -6.18
C PHE A 29 -13.22 8.78 -4.72
N PRO A 30 -13.16 10.10 -4.45
CA PRO A 30 -12.83 10.57 -3.09
C PRO A 30 -13.88 10.16 -2.04
N ASP A 31 -15.12 9.93 -2.46
CA ASP A 31 -16.14 9.44 -1.54
C ASP A 31 -15.94 7.96 -1.18
N LYS A 32 -15.47 7.15 -2.12
CA LYS A 32 -15.22 5.73 -1.88
C LYS A 32 -13.89 5.34 -1.21
N PHE A 33 -12.81 6.07 -1.54
CA PHE A 33 -11.47 5.68 -1.08
C PHE A 33 -10.79 6.79 -0.30
N GLY A 34 -9.97 6.41 0.67
CA GLY A 34 -9.31 7.43 1.47
C GLY A 34 -8.00 6.89 1.94
N SER A 35 -7.14 7.77 2.47
CA SER A 35 -5.85 7.41 3.03
C SER A 35 -5.96 7.47 4.55
N CYS A 36 -5.26 6.59 5.26
CA CYS A 36 -5.29 6.66 6.71
C CYS A 36 -4.16 7.57 7.20
N VAL A 37 -4.14 7.85 8.52
CA VAL A 37 -3.17 8.78 9.08
C VAL A 37 -2.02 7.94 9.64
N PRO A 38 -0.81 8.10 9.09
CA PRO A 38 0.39 7.37 9.56
C PRO A 38 0.97 7.93 10.88
N HIS A 39 1.87 7.16 11.51
CA HIS A 39 2.60 7.66 12.69
C HIS A 39 4.05 8.03 12.31
N THR A 40 4.62 9.02 12.99
CA THR A 40 6.07 9.23 12.89
C THR A 40 6.64 9.75 14.21
N THR A 41 7.94 9.51 14.44
CA THR A 41 8.59 10.05 15.62
C THR A 41 9.25 11.39 15.31
N ARG A 42 9.30 11.76 14.02
CA ARG A 42 9.97 13.01 13.71
C ARG A 42 9.13 14.20 14.26
N PRO A 43 9.80 15.31 14.56
CA PRO A 43 9.05 16.42 15.14
C PRO A 43 8.10 17.06 14.12
N LYS A 44 6.97 17.58 14.60
CA LYS A 44 5.96 18.25 13.77
C LYS A 44 6.54 19.52 13.17
N ARG A 45 6.16 19.84 11.93
CA ARG A 45 6.69 21.05 11.26
C ARG A 45 5.53 22.04 11.01
N GLU A 46 5.83 23.22 10.47
CA GLU A 46 4.79 24.22 10.19
C GLU A 46 3.72 23.64 9.26
N TYR A 47 2.45 24.00 9.51
CA TYR A 47 1.32 23.58 8.66
C TYR A 47 0.93 22.13 8.86
N GLU A 48 1.66 21.40 9.72
CA GLU A 48 1.31 20.00 9.96
C GLU A 48 0.40 19.94 11.18
N ILE A 49 -0.58 19.05 11.13
CA ILE A 49 -1.59 18.92 12.20
C ILE A 49 -1.61 17.50 12.76
N ASP A 50 -1.38 17.39 14.06
CA ASP A 50 -1.37 16.08 14.73
C ASP A 50 -2.75 15.43 14.56
N GLY A 51 -2.79 14.19 14.04
CA GLY A 51 -4.07 13.53 13.80
C GLY A 51 -4.59 13.73 12.38
N ARG A 52 -3.94 14.60 11.61
CA ARG A 52 -4.31 14.79 10.21
C ARG A 52 -3.18 14.37 9.27
N ASP A 53 -2.07 15.11 9.32
CA ASP A 53 -0.88 14.73 8.55
C ASP A 53 -0.21 13.47 9.11
N TYR A 54 0.07 13.48 10.42
CA TYR A 54 0.58 12.27 11.09
C TYR A 54 0.02 12.24 12.49
N HIS A 55 0.07 11.07 13.12
CA HIS A 55 -0.01 11.05 14.57
C HIS A 55 1.44 11.18 15.02
N PHE A 56 1.78 12.29 15.67
CA PHE A 56 3.18 12.53 16.03
C PHE A 56 3.53 11.90 17.39
N VAL A 57 4.48 10.97 17.40
CA VAL A 57 4.83 10.24 18.62
C VAL A 57 6.02 10.90 19.33
N SER A 58 5.84 11.32 20.58
CA SER A 58 6.89 12.06 21.28
C SER A 58 8.05 11.17 21.69
N SER A 59 7.78 9.88 21.84
CA SER A 59 8.78 8.94 22.35
C SER A 59 9.12 7.86 21.32
N ARG A 60 10.37 7.83 20.88
CA ARG A 60 10.79 6.74 19.99
C ARG A 60 10.65 5.39 20.69
N GLU A 61 10.93 5.36 21.99
CA GLU A 61 10.85 4.12 22.77
C GLU A 61 9.42 3.57 22.76
N LYS A 62 8.44 4.49 22.87
CA LYS A 62 7.01 4.16 22.77
C LYS A 62 6.68 3.49 21.41
N MET A 63 7.12 4.09 20.32
CA MET A 63 6.80 3.53 19.01
C MET A 63 7.47 2.17 18.76
N GLU A 64 8.69 2.00 19.26
CA GLU A 64 9.36 0.71 19.16
C GLU A 64 8.59 -0.39 19.90
N LYS A 65 8.17 -0.09 21.13
CA LYS A 65 7.35 -1.01 21.91
C LYS A 65 6.07 -1.35 21.12
N ASP A 66 5.42 -0.34 20.55
CA ASP A 66 4.19 -0.56 19.77
C ASP A 66 4.39 -1.40 18.51
N ILE A 67 5.48 -1.14 17.78
CA ILE A 67 5.87 -2.03 16.69
C ILE A 67 6.00 -3.48 17.18
N GLN A 68 6.70 -3.69 18.30
CA GLN A 68 6.88 -5.04 18.85
C GLN A 68 5.57 -5.69 19.35
N ALA A 69 4.59 -4.86 19.68
CA ALA A 69 3.28 -5.29 20.15
C ALA A 69 2.28 -5.50 18.99
N HIS A 70 2.79 -5.40 17.75
CA HIS A 70 2.02 -5.66 16.53
C HIS A 70 0.93 -4.63 16.29
N LYS A 71 1.17 -3.38 16.68
CA LYS A 71 0.22 -2.29 16.47
C LYS A 71 0.34 -1.73 15.08
N PHE A 72 1.42 -2.09 14.37
CA PHE A 72 1.65 -1.58 13.02
C PHE A 72 1.60 -2.66 11.94
N ILE A 73 0.86 -2.39 10.86
CA ILE A 73 0.87 -3.33 9.71
C ILE A 73 2.11 -3.12 8.84
N GLU A 74 2.66 -1.90 8.90
CA GLU A 74 3.88 -1.58 8.17
C GLU A 74 4.64 -0.59 9.06
N ALA A 75 5.94 -0.78 9.25
CA ALA A 75 6.75 0.20 9.99
C ALA A 75 8.17 0.28 9.39
N GLY A 76 8.77 1.47 9.44
CA GLY A 76 10.09 1.64 8.88
C GLY A 76 10.78 2.87 9.43
N GLN A 77 11.94 3.20 8.85
CA GLN A 77 12.66 4.39 9.29
C GLN A 77 13.17 5.20 8.10
N TYR A 78 13.25 6.51 8.27
CA TYR A 78 13.93 7.34 7.29
C TYR A 78 14.55 8.53 8.00
N ASN A 79 15.77 8.90 7.61
CA ASN A 79 16.41 10.12 8.10
C ASN A 79 16.35 10.24 9.62
N SER A 80 16.65 9.12 10.29
CA SER A 80 16.77 9.04 11.76
C SER A 80 15.47 8.88 12.52
N HIS A 81 14.36 8.82 11.80
CA HIS A 81 13.08 8.77 12.50
C HIS A 81 12.24 7.58 12.06
N LEU A 82 11.28 7.20 12.91
CA LEU A 82 10.41 6.07 12.64
C LEU A 82 9.11 6.53 11.97
N TYR A 83 8.58 5.70 11.08
CA TYR A 83 7.30 5.96 10.42
C TYR A 83 6.55 4.62 10.43
N GLY A 84 5.21 4.67 10.31
CA GLY A 84 4.45 3.43 10.23
C GLY A 84 2.96 3.62 10.02
N THR A 85 2.31 2.55 9.59
CA THR A 85 0.86 2.55 9.35
C THR A 85 0.21 1.62 10.39
N SER A 86 -0.52 2.21 11.32
CA SER A 86 -1.05 1.46 12.45
C SER A 86 -2.32 0.74 12.05
N VAL A 87 -2.58 -0.41 12.69
CA VAL A 87 -3.85 -1.08 12.54
C VAL A 87 -5.03 -0.14 12.87
N GLN A 88 -4.90 0.61 13.96
CA GLN A 88 -6.01 1.45 14.41
C GLN A 88 -6.33 2.55 13.39
N SER A 89 -5.31 3.09 12.74
CA SER A 89 -5.55 4.15 11.74
C SER A 89 -6.34 3.59 10.55
N VAL A 90 -6.05 2.36 10.15
CA VAL A 90 -6.75 1.76 9.03
C VAL A 90 -8.19 1.52 9.46
N ARG A 91 -8.35 1.03 10.69
CA ARG A 91 -9.67 0.69 11.20
C ARG A 91 -10.55 1.94 11.19
N GLU A 92 -9.96 3.08 11.56
CA GLU A 92 -10.71 4.33 11.63
C GLU A 92 -11.25 4.75 10.26
N VAL A 93 -10.47 4.50 9.20
CA VAL A 93 -10.95 4.76 7.84
C VAL A 93 -12.04 3.79 7.42
N ALA A 94 -11.80 2.49 7.65
CA ALA A 94 -12.76 1.44 7.32
C ALA A 94 -14.10 1.67 8.00
N GLU A 95 -14.05 2.10 9.26
CA GLU A 95 -15.29 2.32 10.01
C GLU A 95 -16.05 3.58 9.56
N GLN A 96 -15.39 4.44 8.80
CA GLN A 96 -16.06 5.62 8.25
C GLN A 96 -16.70 5.29 6.89
N GLY A 97 -16.55 4.04 6.46
CA GLY A 97 -17.22 3.55 5.27
C GLY A 97 -16.42 3.77 4.00
N LYS A 98 -15.13 4.11 4.14
CA LYS A 98 -14.27 4.29 2.97
C LYS A 98 -13.26 3.17 2.88
N HIS A 99 -12.97 2.72 1.66
CA HIS A 99 -11.88 1.79 1.43
C HIS A 99 -10.55 2.51 1.63
N CYS A 100 -9.71 1.97 2.51
CA CYS A 100 -8.46 2.61 2.81
C CYS A 100 -7.46 2.13 1.75
N ILE A 101 -6.92 3.07 0.97
CA ILE A 101 -5.93 2.70 -0.04
C ILE A 101 -4.59 2.66 0.67
N LEU A 102 -3.97 1.48 0.70
CA LEU A 102 -2.74 1.28 1.47
C LEU A 102 -1.54 1.09 0.56
N ASP A 103 -0.51 1.94 0.75
CA ASP A 103 0.76 1.77 0.07
C ASP A 103 1.67 1.09 1.08
N VAL A 104 1.78 -0.22 0.96
CA VAL A 104 2.44 -1.08 1.96
C VAL A 104 2.91 -2.37 1.26
N SER A 105 3.82 -3.11 1.89
CA SER A 105 4.32 -4.37 1.33
C SER A 105 3.29 -5.47 1.50
N ALA A 106 3.44 -6.55 0.74
CA ALA A 106 2.58 -7.73 0.90
C ALA A 106 2.57 -8.32 2.34
N ASN A 107 3.61 -8.05 3.14
CA ASN A 107 3.65 -8.53 4.54
C ASN A 107 2.53 -7.91 5.37
N ALA A 108 2.05 -6.73 4.96
CA ALA A 108 0.98 -6.07 5.69
C ALA A 108 -0.38 -6.77 5.53
N VAL A 109 -0.53 -7.57 4.47
CA VAL A 109 -1.79 -8.32 4.27
C VAL A 109 -2.07 -9.29 5.41
N ARG A 110 -1.12 -10.18 5.72
CA ARG A 110 -1.36 -11.12 6.82
C ARG A 110 -1.57 -10.39 8.14
N ARG A 111 -0.96 -9.22 8.28
CA ARG A 111 -1.10 -8.44 9.52
C ARG A 111 -2.51 -7.87 9.66
N LEU A 112 -3.05 -7.34 8.56
CA LEU A 112 -4.44 -6.86 8.54
C LEU A 112 -5.44 -7.99 8.78
N GLN A 113 -5.22 -9.13 8.14
CA GLN A 113 -6.06 -10.31 8.42
C GLN A 113 -5.99 -10.70 9.89
N ALA A 114 -4.79 -10.71 10.46
CA ALA A 114 -4.67 -11.09 11.88
C ALA A 114 -5.34 -10.07 12.80
N ALA A 115 -5.53 -8.84 12.31
CA ALA A 115 -6.27 -7.84 13.08
C ALA A 115 -7.77 -7.85 12.75
N HIS A 116 -8.18 -8.79 11.89
CA HIS A 116 -9.57 -8.97 11.44
C HIS A 116 -10.14 -7.75 10.70
N LEU A 117 -9.27 -7.13 9.91
CA LEU A 117 -9.66 -6.03 9.05
C LEU A 117 -9.98 -6.41 7.56
N HIS A 118 -9.83 -7.68 7.20
CA HIS A 118 -10.29 -8.18 5.88
C HIS A 118 -9.78 -7.38 4.68
N PRO A 119 -8.45 -7.38 4.44
CA PRO A 119 -7.95 -6.60 3.31
C PRO A 119 -8.35 -7.26 1.98
N ILE A 120 -8.52 -6.44 0.96
CA ILE A 120 -8.69 -6.94 -0.39
C ILE A 120 -7.30 -6.73 -1.00
N ALA A 121 -6.59 -7.84 -1.22
CA ALA A 121 -5.22 -7.80 -1.72
C ALA A 121 -5.22 -8.16 -3.21
N ILE A 122 -4.84 -7.20 -4.05
CA ILE A 122 -4.88 -7.39 -5.50
C ILE A 122 -3.46 -7.31 -6.07
N PHE A 123 -3.07 -8.37 -6.77
CA PHE A 123 -1.76 -8.41 -7.39
C PHE A 123 -1.88 -8.18 -8.89
N ILE A 124 -1.14 -7.20 -9.40
CA ILE A 124 -1.09 -6.94 -10.84
C ILE A 124 0.09 -7.74 -11.39
N ARG A 125 -0.20 -8.77 -12.18
CA ARG A 125 0.84 -9.67 -12.64
C ARG A 125 1.27 -9.34 -14.08
N PRO A 126 2.56 -9.02 -14.28
CA PRO A 126 3.05 -8.85 -15.66
C PRO A 126 3.08 -10.20 -16.34
N ARG A 127 2.62 -10.25 -17.60
CA ARG A 127 2.62 -11.48 -18.36
C ARG A 127 4.03 -11.83 -18.81
N SER A 128 4.84 -10.78 -18.97
CA SER A 128 6.23 -10.93 -19.42
C SER A 128 6.98 -9.63 -19.26
N LEU A 129 8.26 -9.66 -19.58
CA LEU A 129 9.08 -8.46 -19.65
C LEU A 129 8.43 -7.48 -20.62
N GLU A 130 8.13 -7.95 -21.82
CA GLU A 130 7.42 -7.19 -22.86
C GLU A 130 6.17 -6.51 -22.31
N ASN A 131 5.40 -7.25 -21.54
CA ASN A 131 4.14 -6.71 -21.01
C ASN A 131 4.33 -5.57 -19.98
N VAL A 132 5.43 -5.60 -19.23
CA VAL A 132 5.76 -4.51 -18.31
C VAL A 132 5.90 -3.16 -19.06
N LEU A 133 6.55 -3.21 -20.21
CA LEU A 133 6.77 -2.01 -21.02
C LEU A 133 5.48 -1.56 -21.74
N GLU A 134 4.50 -2.46 -21.77
CA GLU A 134 3.15 -2.12 -22.25
C GLU A 134 2.32 -1.38 -21.18
N ILE A 135 2.40 -1.87 -19.94
CA ILE A 135 1.60 -1.28 -18.87
C ILE A 135 2.32 -0.15 -18.11
N ASN A 136 3.64 -0.03 -18.31
CA ASN A 136 4.36 1.12 -17.78
C ASN A 136 5.25 1.75 -18.85
N LYS A 137 4.89 2.97 -19.26
CA LYS A 137 5.55 3.63 -20.38
C LYS A 137 6.68 4.54 -19.93
N ARG A 138 6.90 4.58 -18.61
CA ARG A 138 7.86 5.50 -18.03
C ARG A 138 9.27 4.93 -17.82
N ILE A 139 9.47 3.63 -18.13
CA ILE A 139 10.73 2.97 -17.77
C ILE A 139 11.46 2.28 -18.93
N THR A 140 12.77 2.09 -18.77
CA THR A 140 13.64 1.34 -19.70
C THR A 140 13.47 -0.19 -19.64
N GLU A 141 13.95 -0.88 -20.67
CA GLU A 141 13.91 -2.35 -20.73
C GLU A 141 14.60 -3.01 -19.52
N GLU A 142 15.74 -2.47 -19.10
CA GLU A 142 16.47 -3.04 -17.97
C GLU A 142 15.78 -2.76 -16.61
N GLN A 143 15.13 -1.60 -16.49
CA GLN A 143 14.25 -1.32 -15.33
C GLN A 143 13.06 -2.26 -15.34
N ALA A 144 12.50 -2.50 -16.53
CA ALA A 144 11.36 -3.40 -16.65
C ALA A 144 11.77 -4.82 -16.24
N ARG A 145 12.99 -5.22 -16.62
CA ARG A 145 13.55 -6.51 -16.19
C ARG A 145 13.57 -6.66 -14.66
N LYS A 146 13.99 -5.61 -13.96
CA LYS A 146 14.04 -5.58 -12.50
C LYS A 146 12.65 -5.60 -11.89
N ALA A 147 11.74 -4.83 -12.49
CA ALA A 147 10.35 -4.86 -12.06
C ALA A 147 9.72 -6.23 -12.31
N PHE A 148 10.07 -6.86 -13.41
CA PHE A 148 9.57 -8.19 -13.72
C PHE A 148 10.06 -9.25 -12.73
N ASP A 149 11.35 -9.23 -12.40
CA ASP A 149 11.91 -10.14 -11.41
C ASP A 149 11.29 -9.95 -10.01
N ARG A 150 11.14 -8.69 -9.58
CA ARG A 150 10.38 -8.38 -8.35
C ARG A 150 8.97 -8.97 -8.33
N ALA A 151 8.23 -8.80 -9.43
CA ALA A 151 6.87 -9.31 -9.50
C ALA A 151 6.84 -10.84 -9.47
N THR A 152 7.81 -11.47 -10.11
CA THR A 152 7.94 -12.93 -10.05
C THR A 152 8.16 -13.42 -8.62
N LYS A 153 9.12 -12.80 -7.93
CA LYS A 153 9.42 -13.15 -6.54
C LYS A 153 8.23 -12.86 -5.63
N LEU A 154 7.51 -11.77 -5.90
CA LEU A 154 6.36 -11.43 -5.07
C LEU A 154 5.26 -12.50 -5.21
N GLU A 155 4.99 -12.92 -6.44
CA GLU A 155 3.98 -13.95 -6.66
CA GLU A 155 3.98 -13.94 -6.66
C GLU A 155 4.38 -15.27 -6.01
N GLN A 156 5.64 -15.69 -6.21
CA GLN A 156 6.11 -16.95 -5.64
C GLN A 156 5.90 -16.97 -4.13
N GLU A 157 6.16 -15.85 -3.48
CA GLU A 157 6.06 -15.73 -2.03
C GLU A 157 4.66 -15.49 -1.43
N PHE A 158 3.92 -14.59 -2.04
CA PHE A 158 2.64 -14.11 -1.53
C PHE A 158 1.32 -14.62 -2.14
N THR A 159 1.41 -15.55 -3.08
CA THR A 159 0.23 -16.03 -3.80
C THR A 159 -0.95 -16.36 -2.89
N GLU A 160 -0.71 -17.10 -1.82
CA GLU A 160 -1.79 -17.43 -0.89
C GLU A 160 -2.53 -16.24 -0.28
N CYS A 161 -1.87 -15.08 -0.19
CA CYS A 161 -2.55 -13.96 0.46
CA CYS A 161 -2.47 -13.90 0.45
C CYS A 161 -3.39 -13.14 -0.51
N PHE A 162 -3.27 -13.37 -1.81
CA PHE A 162 -4.01 -12.52 -2.76
C PHE A 162 -5.52 -12.78 -2.80
N SER A 163 -6.33 -11.71 -2.75
CA SER A 163 -7.78 -11.84 -3.01
C SER A 163 -8.00 -12.13 -4.51
N ALA A 164 -7.23 -11.43 -5.37
CA ALA A 164 -7.29 -11.64 -6.79
C ALA A 164 -5.98 -11.23 -7.47
N ILE A 165 -5.77 -11.79 -8.66
CA ILE A 165 -4.67 -11.39 -9.55
C ILE A 165 -5.30 -10.79 -10.82
N VAL A 166 -4.81 -9.62 -11.26
CA VAL A 166 -5.30 -9.00 -12.49
C VAL A 166 -4.16 -8.86 -13.52
N GLU A 167 -4.51 -8.97 -14.80
CA GLU A 167 -3.54 -8.81 -15.89
C GLU A 167 -4.14 -7.91 -16.97
N GLY A 168 -3.29 -7.29 -17.79
CA GLY A 168 -3.78 -6.55 -18.95
C GLY A 168 -2.70 -6.13 -19.93
N ASP A 169 -3.12 -5.68 -21.10
CA ASP A 169 -2.20 -5.21 -22.12
C ASP A 169 -1.91 -3.71 -22.05
N SER A 170 -2.53 -3.04 -21.08
CA SER A 170 -2.35 -1.60 -20.90
C SER A 170 -2.71 -1.27 -19.47
N PHE A 171 -2.27 -0.12 -18.97
CA PHE A 171 -2.65 0.27 -17.63
C PHE A 171 -4.15 0.50 -17.55
N GLU A 172 -4.71 1.13 -18.57
CA GLU A 172 -6.16 1.39 -18.62
C GLU A 172 -7.01 0.11 -18.36
N GLU A 173 -6.61 -1.01 -18.96
CA GLU A 173 -7.33 -2.29 -18.82
C GLU A 173 -7.18 -2.85 -17.41
N ILE A 174 -5.94 -2.84 -16.92
CA ILE A 174 -5.66 -3.21 -15.54
C ILE A 174 -6.47 -2.35 -14.55
N TYR A 175 -6.45 -1.02 -14.70
CA TYR A 175 -7.22 -0.15 -13.80
C TYR A 175 -8.69 -0.53 -13.81
N HIS A 176 -9.22 -0.82 -15.01
CA HIS A 176 -10.62 -1.24 -15.15
C HIS A 176 -10.90 -2.52 -14.34
N LYS A 177 -9.99 -3.48 -14.45
CA LYS A 177 -10.14 -4.77 -13.76
C LYS A 177 -10.00 -4.59 -12.24
N VAL A 178 -9.08 -3.72 -11.82
CA VAL A 178 -8.90 -3.43 -10.41
C VAL A 178 -10.18 -2.87 -9.80
N LYS A 179 -10.82 -1.92 -10.51
CA LYS A 179 -12.05 -1.32 -10.00
C LYS A 179 -13.15 -2.38 -9.87
N ARG A 180 -13.18 -3.30 -10.84
CA ARG A 180 -14.19 -4.35 -10.89
C ARG A 180 -14.01 -5.34 -9.74
N VAL A 181 -12.77 -5.71 -9.46
CA VAL A 181 -12.47 -6.58 -8.31
C VAL A 181 -12.96 -5.95 -6.99
N ILE A 182 -12.68 -4.68 -6.79
CA ILE A 182 -13.10 -4.02 -5.55
C ILE A 182 -14.61 -3.97 -5.44
N GLU A 183 -15.29 -3.70 -6.55
CA GLU A 183 -16.75 -3.71 -6.48
C GLU A 183 -17.29 -5.09 -6.11
N ASP A 184 -16.67 -6.14 -6.66
CA ASP A 184 -17.17 -7.50 -6.46
C ASP A 184 -16.96 -7.96 -5.03
N LEU A 185 -15.84 -7.53 -4.45
CA LEU A 185 -15.42 -8.01 -3.12
C LEU A 185 -15.94 -7.11 -1.99
N SER A 186 -16.74 -6.11 -2.37
CA SER A 186 -17.34 -5.18 -1.42
C SER A 186 -18.71 -5.64 -0.93
N GLY A 187 -19.13 -6.83 -1.36
CA GLY A 187 -20.34 -7.41 -0.82
C GLY A 187 -20.17 -7.84 0.62
N LEU B 1 9.96 8.84 -10.23
CA LEU B 1 10.21 8.77 -8.79
C LEU B 1 11.37 9.69 -8.36
N SER B 2 11.09 11.00 -8.41
CA SER B 2 11.96 11.97 -7.75
C SER B 2 11.14 12.67 -6.66
N ARG B 3 11.82 13.10 -5.60
CA ARG B 3 11.15 13.80 -4.51
C ARG B 3 10.00 12.99 -3.94
N VAL B 4 10.29 11.71 -3.70
CA VAL B 4 9.36 10.75 -3.13
C VAL B 4 9.02 11.16 -1.69
N LYS B 5 7.75 11.08 -1.31
CA LYS B 5 7.36 11.41 0.06
C LYS B 5 8.12 10.57 1.07
N LEU B 7 7.21 9.22 3.92
CA LEU B 7 6.55 8.00 4.38
C LEU B 7 6.82 6.86 3.39
N LYS B 8 6.70 7.17 2.11
CA LYS B 8 6.98 6.17 1.08
C LYS B 8 8.47 5.75 1.09
N LYS B 9 9.38 6.71 1.31
CA LYS B 9 10.80 6.35 1.48
C LYS B 9 11.03 5.40 2.67
N SER B 10 10.26 5.57 3.76
CA SER B 10 10.43 4.72 4.95
C SER B 10 10.14 3.23 4.68
N LEU B 11 9.43 2.96 3.59
CA LEU B 11 9.11 1.59 3.17
C LEU B 11 10.41 0.89 2.74
N ARG B 12 11.42 1.67 2.37
CA ARG B 12 12.71 1.07 1.93
C ARG B 12 13.55 0.50 3.09
N GLN B 13 13.36 1.01 4.32
CA GLN B 13 13.90 0.33 5.48
C GLN B 13 12.80 -0.10 6.45
N SER B 14 12.31 -1.31 6.26
CA SER B 14 11.14 -1.82 6.96
C SER B 14 11.62 -2.79 7.99
N PHE B 15 10.85 -2.90 9.07
CA PHE B 15 11.07 -3.85 10.14
C PHE B 15 10.33 -5.16 9.90
#